data_6D6N
#
_entry.id   6D6N
#
_cell.length_a   56.297
_cell.length_b   84.455
_cell.length_c   76.907
_cell.angle_alpha   90.00
_cell.angle_beta   101.12
_cell.angle_gamma   90.00
#
_symmetry.space_group_name_H-M   'P 1 21 1'
#
loop_
_entity.id
_entity.type
_entity.pdbx_description
1 polymer 'Transcriptional activator protein LasR'
2 non-polymer '2,4-dibromo-6-{[(2-nitrobenzene-1-carbonyl)amino]methyl}phenyl 4-methoxybenzoate'
3 non-polymer PHENYLALANINE
4 water water
#
_entity_poly.entity_id   1
_entity_poly.type   'polypeptide(L)'
_entity_poly.pdbx_seq_one_letter_code
;MALVDGFLELERSSGKLEWSAILQKMASDLGFSKILFGLLPKDSQDYENAFIVGNYPAAWREHYDRAGYARVDPTVSHCT
QSVLPIFWEPSIYQTRKQHEFFEEASAAGLVYGLTMPLHGARGELGALSLSVEAENRAEANRFMESVLPTLWMLKDYALQ
SGAGLAFEHP
;
_entity_poly.pdbx_strand_id   A,B,C,D
#
# COMPACT_ATOMS: atom_id res chain seq x y z
N GLY A 6 -11.63 1.77 7.98
CA GLY A 6 -11.95 0.56 7.16
C GLY A 6 -13.23 0.78 6.40
N PHE A 7 -13.23 0.41 5.13
CA PHE A 7 -14.45 0.46 4.31
C PHE A 7 -15.54 -0.46 4.86
N LEU A 8 -15.13 -1.46 5.65
CA LEU A 8 -16.05 -2.48 6.17
C LEU A 8 -17.09 -1.93 7.15
N GLU A 9 -16.73 -0.86 7.87
CA GLU A 9 -17.63 -0.24 8.82
C GLU A 9 -18.90 0.39 8.14
N LEU A 10 -18.80 0.82 6.89
CA LEU A 10 -20.00 1.24 6.08
C LEU A 10 -20.99 0.10 5.94
N GLU A 11 -20.53 -1.07 5.47
CA GLU A 11 -21.43 -2.22 5.24
C GLU A 11 -22.05 -2.76 6.50
N ARG A 12 -21.41 -2.55 7.65
CA ARG A 12 -21.90 -3.07 8.90
C ARG A 12 -22.63 -2.04 9.73
N SER A 13 -22.79 -0.82 9.25
CA SER A 13 -23.54 0.19 10.01
C SER A 13 -25.04 -0.11 10.07
N SER A 14 -25.74 0.42 11.06
CA SER A 14 -27.19 0.32 11.08
C SER A 14 -27.88 1.70 11.07
N GLY A 15 -28.57 1.96 9.97
CA GLY A 15 -29.44 3.12 9.83
C GLY A 15 -28.70 4.23 9.12
N LYS A 16 -29.46 5.12 8.53
CA LYS A 16 -28.87 6.16 7.68
C LYS A 16 -28.05 7.17 8.46
N LEU A 17 -28.40 7.42 9.72
CA LEU A 17 -27.61 8.33 10.58
C LEU A 17 -26.20 7.87 10.79
N GLU A 18 -26.08 6.63 11.20
CA GLU A 18 -24.81 6.04 11.44
C GLU A 18 -23.97 5.95 10.15
N TRP A 19 -24.59 5.47 9.08
CA TRP A 19 -23.92 5.38 7.80
C TRP A 19 -23.37 6.72 7.33
N SER A 20 -24.22 7.74 7.40
CA SER A 20 -23.89 9.10 6.96
CA SER A 20 -23.85 9.07 6.92
C SER A 20 -22.73 9.62 7.79
N ALA A 21 -22.82 9.42 9.11
CA ALA A 21 -21.69 9.81 9.97
C ALA A 21 -20.33 9.16 9.59
N ILE A 22 -20.34 7.86 9.33
CA ILE A 22 -19.18 7.08 8.98
C ILE A 22 -18.57 7.64 7.66
N LEU A 23 -19.41 7.82 6.65
CA LEU A 23 -18.98 8.34 5.35
C LEU A 23 -18.38 9.75 5.52
N GLN A 24 -19.04 10.59 6.32
CA GLN A 24 -18.57 11.96 6.60
C GLN A 24 -17.21 11.94 7.28
N LYS A 25 -17.06 11.06 8.25
CA LYS A 25 -15.73 10.88 8.87
C LYS A 25 -14.61 10.37 7.96
N MET A 26 -14.91 9.35 7.13
CA MET A 26 -13.95 8.86 6.17
C MET A 26 -13.50 9.97 5.23
N ALA A 27 -14.44 10.81 4.82
CA ALA A 27 -14.12 11.89 3.91
C ALA A 27 -13.28 12.97 4.58
N SER A 28 -13.64 13.31 5.79
CA SER A 28 -12.94 14.27 6.59
C SER A 28 -11.51 13.82 6.78
N ASP A 29 -11.30 12.55 7.13
CA ASP A 29 -9.94 12.01 7.18
C ASP A 29 -9.12 12.12 5.89
N LEU A 30 -9.79 12.11 4.74
CA LEU A 30 -9.11 12.29 3.47
C LEU A 30 -8.96 13.79 3.05
N GLY A 31 -9.38 14.69 3.91
CA GLY A 31 -9.26 16.14 3.78
C GLY A 31 -10.48 16.89 3.32
N PHE A 32 -11.65 16.23 3.22
CA PHE A 32 -12.88 16.82 2.80
C PHE A 32 -13.86 17.12 3.92
N SER A 33 -14.07 18.37 4.17
CA SER A 33 -14.98 18.74 5.26
C SER A 33 -16.48 18.71 4.96
N LYS A 34 -16.86 18.79 3.68
CA LYS A 34 -18.24 18.78 3.27
C LYS A 34 -18.44 17.77 2.16
N ILE A 35 -19.46 16.92 2.32
CA ILE A 35 -19.78 15.93 1.29
C ILE A 35 -21.30 15.83 1.15
N LEU A 36 -21.70 15.36 -0.02
CA LEU A 36 -23.09 15.03 -0.26
C LEU A 36 -23.12 13.74 -1.09
N PHE A 37 -23.86 12.74 -0.61
CA PHE A 37 -24.08 11.49 -1.32
C PHE A 37 -25.53 11.48 -1.76
N GLY A 38 -25.79 11.38 -3.09
CA GLY A 38 -27.14 11.29 -3.57
C GLY A 38 -27.27 10.17 -4.55
N LEU A 39 -28.39 9.46 -4.47
CA LEU A 39 -28.58 8.26 -5.23
C LEU A 39 -30.08 8.13 -5.58
N LEU A 40 -30.36 7.94 -6.85
CA LEU A 40 -31.72 7.75 -7.40
C LEU A 40 -31.90 6.29 -7.84
N PRO A 41 -33.09 5.77 -7.67
CA PRO A 41 -33.38 4.47 -8.31
C PRO A 41 -33.29 4.50 -9.82
N LYS A 42 -33.14 3.33 -10.43
CA LYS A 42 -33.07 3.14 -11.87
C LYS A 42 -34.22 3.86 -12.58
N ASP A 43 -33.89 4.59 -13.65
CA ASP A 43 -34.82 5.33 -14.55
C ASP A 43 -35.76 6.32 -13.81
N SER A 44 -35.25 6.95 -12.77
CA SER A 44 -35.98 8.00 -12.09
C SER A 44 -36.20 9.20 -13.04
N GLN A 45 -37.43 9.73 -12.99
CA GLN A 45 -37.84 10.87 -13.80
C GLN A 45 -37.89 12.17 -13.02
N ASP A 46 -37.64 12.10 -11.72
CA ASP A 46 -37.68 13.27 -10.79
C ASP A 46 -36.81 12.90 -9.59
N TYR A 47 -36.68 13.78 -8.60
CA TYR A 47 -35.89 13.56 -7.38
C TYR A 47 -36.74 13.18 -6.22
N GLU A 48 -38.00 12.81 -6.44
CA GLU A 48 -38.87 12.49 -5.33
C GLU A 48 -38.46 11.24 -4.53
N ASN A 49 -37.85 10.25 -5.17
CA ASN A 49 -37.40 9.03 -4.49
C ASN A 49 -35.89 8.96 -4.29
N ALA A 50 -35.25 10.14 -4.27
CA ALA A 50 -33.81 10.19 -4.05
C ALA A 50 -33.42 9.97 -2.61
N PHE A 51 -32.27 9.37 -2.37
CA PHE A 51 -31.63 9.22 -1.08
C PHE A 51 -30.44 10.19 -1.08
N ILE A 52 -30.53 11.24 -0.25
CA ILE A 52 -29.51 12.31 -0.26
C ILE A 52 -29.11 12.53 1.14
N VAL A 53 -27.83 12.26 1.48
CA VAL A 53 -27.36 12.46 2.87
C VAL A 53 -26.00 13.14 2.79
N GLY A 54 -25.67 13.86 3.84
CA GLY A 54 -24.30 14.47 3.89
C GLY A 54 -24.27 15.61 4.85
N ASN A 55 -23.23 16.45 4.80
CA ASN A 55 -23.17 17.59 5.74
C ASN A 55 -23.01 18.90 4.99
N TYR A 56 -23.50 18.99 3.76
CA TYR A 56 -23.67 20.29 3.14
C TYR A 56 -24.60 21.19 4.01
N PRO A 57 -24.38 22.46 4.03
CA PRO A 57 -25.28 23.31 4.83
C PRO A 57 -26.71 23.33 4.37
N ALA A 58 -27.63 23.32 5.33
CA ALA A 58 -29.10 23.38 5.03
C ALA A 58 -29.52 24.52 4.10
N ALA A 59 -28.96 25.72 4.29
CA ALA A 59 -29.39 26.86 3.48
C ALA A 59 -29.00 26.63 2.01
N TRP A 60 -27.82 26.08 1.78
CA TRP A 60 -27.36 25.75 0.41
C TRP A 60 -28.25 24.66 -0.23
N ARG A 61 -28.50 23.59 0.53
CA ARG A 61 -29.43 22.54 0.03
C ARG A 61 -30.77 23.12 -0.36
N GLU A 62 -31.30 24.00 0.49
CA GLU A 62 -32.63 24.54 0.24
C GLU A 62 -32.60 25.44 -1.02
N HIS A 63 -31.56 26.26 -1.11
CA HIS A 63 -31.39 27.16 -2.26
C HIS A 63 -31.25 26.40 -3.58
N TYR A 64 -30.43 25.37 -3.56
CA TYR A 64 -30.15 24.61 -4.76
C TYR A 64 -31.41 24.02 -5.32
N ASP A 65 -32.23 23.43 -4.44
CA ASP A 65 -33.53 22.86 -4.86
C ASP A 65 -34.48 23.95 -5.38
N ARG A 66 -34.62 25.01 -4.60
CA ARG A 66 -35.55 26.11 -4.93
C ARG A 66 -35.19 26.82 -6.22
N ALA A 67 -33.90 27.02 -6.43
CA ALA A 67 -33.39 27.61 -7.67
C ALA A 67 -33.30 26.68 -8.89
N GLY A 68 -33.59 25.39 -8.76
CA GLY A 68 -33.58 24.47 -9.93
C GLY A 68 -32.16 24.16 -10.41
N TYR A 69 -31.19 24.27 -9.51
CA TYR A 69 -29.80 24.08 -9.92
C TYR A 69 -29.47 22.66 -10.43
N ALA A 70 -30.27 21.65 -10.13
CA ALA A 70 -30.06 20.35 -10.77
C ALA A 70 -30.13 20.41 -12.28
N ARG A 71 -30.75 21.44 -12.86
CA ARG A 71 -30.76 21.59 -14.30
C ARG A 71 -29.65 22.45 -14.87
N VAL A 72 -28.80 23.02 -14.01
CA VAL A 72 -27.76 24.00 -14.36
C VAL A 72 -26.40 23.44 -14.04
N ASP A 73 -26.27 22.94 -12.80
CA ASP A 73 -25.03 22.34 -12.32
C ASP A 73 -24.38 21.38 -13.34
N PRO A 74 -23.19 21.70 -13.79
CA PRO A 74 -22.59 20.93 -14.89
C PRO A 74 -22.19 19.49 -14.48
N THR A 75 -22.02 19.26 -13.19
CA THR A 75 -21.63 17.96 -12.70
C THR A 75 -22.75 16.94 -12.88
N VAL A 76 -24.00 17.42 -12.81
CA VAL A 76 -25.16 16.55 -12.93
C VAL A 76 -25.22 15.94 -14.34
N SER A 77 -25.15 16.76 -15.39
CA SER A 77 -25.20 16.16 -16.73
C SER A 77 -23.96 15.26 -16.93
N HIS A 78 -22.80 15.66 -16.43
CA HIS A 78 -21.58 14.84 -16.56
C HIS A 78 -21.85 13.43 -16.01
N CYS A 79 -22.45 13.37 -14.82
CA CYS A 79 -22.74 12.05 -14.17
C CYS A 79 -23.61 11.14 -15.05
N THR A 80 -24.52 11.72 -15.82
CA THR A 80 -25.42 10.96 -16.70
CA THR A 80 -25.39 10.92 -16.71
C THR A 80 -24.68 10.31 -17.90
N GLN A 81 -23.48 10.80 -18.18
CA GLN A 81 -22.67 10.43 -19.31
C GLN A 81 -21.34 9.73 -19.00
N SER A 82 -20.88 9.68 -17.73
CA SER A 82 -19.57 9.15 -17.43
C SER A 82 -19.48 8.52 -16.05
N VAL A 83 -18.51 7.61 -15.92
CA VAL A 83 -18.12 7.08 -14.62
C VAL A 83 -16.95 7.81 -14.04
N LEU A 84 -16.31 8.72 -14.78
CA LEU A 84 -15.13 9.39 -14.21
C LEU A 84 -15.45 10.69 -13.41
N PRO A 85 -14.61 11.04 -12.47
CA PRO A 85 -14.88 12.23 -11.68
C PRO A 85 -14.80 13.50 -12.52
N ILE A 86 -15.49 14.50 -12.08
CA ILE A 86 -15.44 15.87 -12.65
C ILE A 86 -15.00 16.80 -11.49
N PHE A 87 -13.91 17.52 -11.70
CA PHE A 87 -13.45 18.49 -10.73
C PHE A 87 -14.22 19.79 -10.90
N TRP A 88 -14.47 20.50 -9.79
CA TRP A 88 -15.34 21.66 -9.81
C TRP A 88 -14.55 22.85 -10.34
N GLU A 89 -14.85 23.29 -11.54
CA GLU A 89 -14.12 24.42 -12.16
C GLU A 89 -15.07 25.23 -13.03
N PRO A 90 -15.28 26.57 -12.75
CA PRO A 90 -16.11 27.35 -13.72
C PRO A 90 -15.45 27.41 -15.14
N THR A 95 -22.80 28.97 -19.28
CA THR A 95 -23.96 29.83 -19.28
C THR A 95 -24.05 30.80 -18.11
N ARG A 96 -24.94 31.77 -18.25
CA ARG A 96 -25.11 32.76 -17.22
C ARG A 96 -25.70 32.16 -15.95
N LYS A 97 -26.63 31.21 -16.06
CA LYS A 97 -27.12 30.50 -14.84
C LYS A 97 -26.01 29.63 -14.21
N GLN A 98 -25.15 29.04 -15.03
CA GLN A 98 -23.94 28.34 -14.53
C GLN A 98 -22.99 29.29 -13.82
N HIS A 99 -22.79 30.46 -14.39
CA HIS A 99 -22.12 31.54 -13.65
C HIS A 99 -22.79 31.82 -12.29
N GLU A 100 -24.12 31.99 -12.25
CA GLU A 100 -24.85 32.24 -11.00
C GLU A 100 -24.61 31.10 -9.99
N PHE A 101 -24.73 29.87 -10.51
CA PHE A 101 -24.50 28.63 -9.71
C PHE A 101 -23.14 28.63 -9.08
N PHE A 102 -22.08 28.89 -9.86
CA PHE A 102 -20.73 28.89 -9.22
C PHE A 102 -20.57 29.99 -8.19
N GLU A 103 -21.12 31.17 -8.48
CA GLU A 103 -21.02 32.27 -7.53
C GLU A 103 -21.74 31.94 -6.23
N GLU A 104 -22.95 31.40 -6.34
CA GLU A 104 -23.68 31.06 -5.10
C GLU A 104 -23.07 29.88 -4.29
N ALA A 105 -22.57 28.86 -4.99
CA ALA A 105 -21.77 27.83 -4.30
C ALA A 105 -20.58 28.40 -3.51
N SER A 106 -19.86 29.30 -4.18
CA SER A 106 -18.70 29.96 -3.60
C SER A 106 -19.08 30.76 -2.35
N ALA A 107 -20.15 31.53 -2.47
CA ALA A 107 -20.77 32.30 -1.36
C ALA A 107 -21.14 31.37 -0.20
N ALA A 108 -21.66 30.19 -0.51
CA ALA A 108 -21.94 29.14 0.51
C ALA A 108 -20.72 28.43 1.09
N GLY A 109 -19.50 28.72 0.59
CA GLY A 109 -18.27 28.09 1.07
C GLY A 109 -17.78 26.85 0.33
N LEU A 110 -18.48 26.46 -0.73
CA LEU A 110 -18.17 25.33 -1.54
C LEU A 110 -17.55 25.77 -2.85
N VAL A 111 -16.23 25.89 -2.84
CA VAL A 111 -15.55 26.43 -4.02
C VAL A 111 -14.69 25.41 -4.75
N TYR A 112 -13.86 24.66 -4.04
CA TYR A 112 -13.09 23.58 -4.63
C TYR A 112 -13.64 22.17 -4.23
N GLY A 113 -13.55 21.25 -5.15
CA GLY A 113 -14.01 19.86 -4.97
C GLY A 113 -14.11 19.04 -6.22
N LEU A 114 -14.83 17.89 -6.12
CA LEU A 114 -15.03 17.04 -7.26
C LEU A 114 -16.31 16.29 -6.99
N THR A 115 -16.89 15.86 -8.09
CA THR A 115 -18.11 15.01 -8.05
C THR A 115 -17.71 13.65 -8.70
N MET A 116 -17.97 12.54 -7.99
CA MET A 116 -17.69 11.20 -8.45
C MET A 116 -19.05 10.62 -8.87
N PRO A 117 -19.29 10.35 -10.18
CA PRO A 117 -20.58 9.73 -10.57
C PRO A 117 -20.65 8.32 -9.97
N LEU A 118 -21.89 7.92 -9.73
CA LEU A 118 -22.21 6.62 -9.14
C LEU A 118 -23.17 5.95 -10.15
N HIS A 119 -22.76 4.79 -10.65
CA HIS A 119 -23.58 3.91 -11.48
C HIS A 119 -23.66 2.51 -10.91
N GLY A 120 -24.81 2.26 -10.25
CA GLY A 120 -24.99 0.98 -9.56
C GLY A 120 -25.26 -0.24 -10.42
N ALA A 121 -25.09 -1.43 -9.85
CA ALA A 121 -25.26 -2.69 -10.57
C ALA A 121 -26.70 -2.88 -10.98
N ARG A 122 -27.63 -2.27 -10.25
CA ARG A 122 -29.04 -2.37 -10.67
C ARG A 122 -29.60 -1.07 -11.27
N GLY A 123 -28.71 -0.26 -11.87
CA GLY A 123 -29.15 0.95 -12.59
C GLY A 123 -29.32 2.18 -11.69
N GLU A 124 -28.91 2.11 -10.43
CA GLU A 124 -28.97 3.27 -9.52
C GLU A 124 -28.06 4.34 -10.13
N LEU A 125 -28.50 5.57 -10.04
CA LEU A 125 -27.76 6.69 -10.59
C LEU A 125 -27.49 7.74 -9.51
N GLY A 126 -26.28 8.22 -9.37
CA GLY A 126 -26.09 9.28 -8.38
C GLY A 126 -24.72 9.88 -8.41
N ALA A 127 -24.34 10.47 -7.29
CA ALA A 127 -23.08 11.18 -7.17
C ALA A 127 -22.60 11.28 -5.73
N LEU A 128 -21.27 11.23 -5.55
CA LEU A 128 -20.67 11.56 -4.30
C LEU A 128 -19.86 12.86 -4.58
N SER A 129 -20.29 13.96 -3.98
CA SER A 129 -19.69 15.28 -4.19
C SER A 129 -18.93 15.64 -2.94
N LEU A 130 -17.69 16.14 -3.04
CA LEU A 130 -16.90 16.40 -1.87
C LEU A 130 -16.19 17.78 -2.11
N SER A 131 -16.24 18.61 -1.09
CA SER A 131 -15.53 19.91 -1.12
C SER A 131 -14.32 19.86 -0.22
N VAL A 132 -13.24 20.52 -0.67
CA VAL A 132 -12.04 20.60 0.12
C VAL A 132 -11.74 22.10 0.39
N GLU A 133 -11.44 22.44 1.64
CA GLU A 133 -11.00 23.78 2.02
C GLU A 133 -9.52 23.95 1.68
N ALA A 134 -9.20 25.02 0.99
CA ALA A 134 -7.85 25.30 0.58
C ALA A 134 -7.64 26.77 0.36
N GLU A 135 -6.38 27.16 0.25
CA GLU A 135 -6.00 28.59 0.04
C GLU A 135 -6.24 29.02 -1.37
N ASN A 136 -6.10 28.09 -2.30
CA ASN A 136 -6.32 28.37 -3.67
C ASN A 136 -6.50 27.05 -4.42
N ARG A 137 -6.78 27.13 -5.71
CA ARG A 137 -7.12 25.97 -6.52
C ARG A 137 -5.94 24.99 -6.70
N ALA A 138 -4.72 25.52 -6.90
CA ALA A 138 -3.58 24.67 -7.03
C ALA A 138 -3.39 23.79 -5.78
N GLU A 139 -3.55 24.39 -4.60
CA GLU A 139 -3.41 23.66 -3.38
C GLU A 139 -4.56 22.60 -3.23
N ALA A 140 -5.76 23.01 -3.57
CA ALA A 140 -6.93 22.09 -3.58
C ALA A 140 -6.63 20.91 -4.46
N ASN A 141 -6.15 21.18 -5.69
CA ASN A 141 -5.79 20.12 -6.60
C ASN A 141 -4.77 19.14 -6.05
N ARG A 142 -3.71 19.65 -5.42
CA ARG A 142 -2.77 18.79 -4.78
C ARG A 142 -3.39 17.93 -3.62
N PHE A 143 -4.21 18.54 -2.78
CA PHE A 143 -4.97 17.82 -1.75
C PHE A 143 -5.84 16.69 -2.35
N MET A 144 -6.55 16.95 -3.43
CA MET A 144 -7.43 15.92 -4.03
C MET A 144 -6.65 14.82 -4.70
N GLU A 145 -5.60 15.17 -5.48
CA GLU A 145 -4.78 14.21 -6.20
C GLU A 145 -4.14 13.25 -5.24
N SER A 146 -3.73 13.75 -4.08
CA SER A 146 -3.06 12.92 -3.07
C SER A 146 -3.90 11.79 -2.48
N VAL A 147 -5.20 11.94 -2.52
CA VAL A 147 -6.11 10.91 -2.01
C VAL A 147 -7.01 10.27 -3.06
N LEU A 148 -6.81 10.57 -4.33
CA LEU A 148 -7.74 10.14 -5.34
C LEU A 148 -7.87 8.60 -5.47
N PRO A 149 -6.78 7.83 -5.32
CA PRO A 149 -6.98 6.33 -5.36
C PRO A 149 -7.85 5.83 -4.21
N THR A 150 -7.66 6.37 -3.04
CA THR A 150 -8.45 5.94 -1.89
C THR A 150 -9.90 6.41 -2.08
N LEU A 151 -10.13 7.69 -2.46
CA LEU A 151 -11.49 8.14 -2.81
C LEU A 151 -12.20 7.30 -3.89
N TRP A 152 -11.43 6.81 -4.85
CA TRP A 152 -11.98 6.00 -5.92
C TRP A 152 -12.56 4.69 -5.37
N MET A 153 -11.88 4.08 -4.42
CA MET A 153 -12.43 2.87 -3.78
C MET A 153 -13.64 3.24 -2.90
N LEU A 154 -13.48 4.30 -2.09
CA LEU A 154 -14.55 4.81 -1.20
C LEU A 154 -15.87 5.05 -1.94
N LYS A 155 -15.82 5.64 -3.13
CA LYS A 155 -17.10 5.93 -3.82
C LYS A 155 -17.84 4.66 -4.21
N ASP A 156 -17.10 3.61 -4.57
CA ASP A 156 -17.74 2.35 -4.96
C ASP A 156 -18.23 1.59 -3.69
N TYR A 157 -17.44 1.56 -2.64
CA TYR A 157 -17.95 1.06 -1.31
C TYR A 157 -19.21 1.79 -0.82
N ALA A 158 -19.22 3.14 -0.94
CA ALA A 158 -20.35 3.94 -0.58
C ALA A 158 -21.55 3.62 -1.47
N LEU A 159 -21.28 3.44 -2.75
CA LEU A 159 -22.38 3.14 -3.67
C LEU A 159 -23.00 1.75 -3.33
N GLN A 160 -22.14 0.75 -3.13
CA GLN A 160 -22.65 -0.66 -2.93
C GLN A 160 -23.45 -0.73 -1.59
N SER A 161 -22.89 -0.15 -0.53
CA SER A 161 -23.55 -0.14 0.80
CA SER A 161 -23.49 -0.13 0.82
C SER A 161 -24.74 0.77 0.91
N GLY A 162 -24.57 1.97 0.35
CA GLY A 162 -25.56 3.01 0.23
C GLY A 162 -26.80 2.60 -0.55
N ALA A 163 -26.61 1.88 -1.64
CA ALA A 163 -27.77 1.40 -2.44
C ALA A 163 -28.63 0.47 -1.56
N GLY A 164 -27.98 -0.39 -0.81
CA GLY A 164 -28.69 -1.30 0.07
C GLY A 164 -29.45 -0.57 1.16
N LEU A 165 -28.76 0.31 1.86
CA LEU A 165 -29.37 1.16 2.87
C LEU A 165 -30.56 1.99 2.34
N ALA A 166 -30.39 2.61 1.17
CA ALA A 166 -31.40 3.50 0.66
C ALA A 166 -32.62 2.74 0.15
N PHE A 167 -32.39 1.65 -0.59
CA PHE A 167 -33.47 1.09 -1.38
C PHE A 167 -33.89 -0.32 -0.98
N GLU A 168 -33.12 -1.00 -0.12
CA GLU A 168 -33.37 -2.39 0.16
C GLU A 168 -33.61 -2.76 1.59
N HIS A 169 -32.74 -2.40 2.50
CA HIS A 169 -32.80 -3.03 3.85
C HIS A 169 -33.94 -2.40 4.59
N GLY B 15 15.11 0.10 34.73
CA GLY B 15 13.65 0.25 34.34
C GLY B 15 13.40 1.25 33.21
N LYS B 16 12.13 1.42 32.86
CA LYS B 16 11.65 2.28 31.76
C LYS B 16 12.02 3.78 31.84
N LEU B 17 11.79 4.39 33.01
CA LEU B 17 12.16 5.81 33.19
C LEU B 17 13.65 5.95 33.05
N GLU B 18 14.40 5.00 33.59
CA GLU B 18 15.86 5.07 33.43
C GLU B 18 16.37 4.74 31.99
N TRP B 19 15.77 3.76 31.41
CA TRP B 19 16.14 3.33 30.00
C TRP B 19 15.93 4.58 29.07
N SER B 20 14.75 5.17 29.21
CA SER B 20 14.39 6.36 28.38
C SER B 20 15.40 7.50 28.59
N ALA B 21 15.81 7.73 29.84
CA ALA B 21 16.84 8.73 30.12
C ALA B 21 18.17 8.48 29.39
N ILE B 22 18.57 7.21 29.32
CA ILE B 22 19.85 6.85 28.69
C ILE B 22 19.75 7.07 27.17
N LEU B 23 18.64 6.63 26.61
CA LEU B 23 18.37 6.80 25.16
C LEU B 23 18.32 8.28 24.73
N GLN B 24 17.55 9.04 25.50
CA GLN B 24 17.51 10.50 25.33
C GLN B 24 18.91 11.08 25.38
N LYS B 25 19.74 10.62 26.31
CA LYS B 25 21.08 11.19 26.40
C LYS B 25 21.97 10.77 25.20
N MET B 26 21.84 9.54 24.75
CA MET B 26 22.63 9.10 23.59
C MET B 26 22.29 9.96 22.37
N ALA B 27 21.01 10.26 22.19
CA ALA B 27 20.51 11.04 21.08
C ALA B 27 20.98 12.50 21.23
N SER B 28 20.91 13.09 22.44
CA SER B 28 21.42 14.47 22.58
C SER B 28 22.94 14.55 22.39
N ASP B 29 23.70 13.58 22.87
CA ASP B 29 25.16 13.50 22.57
C ASP B 29 25.49 13.40 21.07
N LEU B 30 24.65 12.69 20.30
CA LEU B 30 24.84 12.56 18.89
C LEU B 30 24.44 13.85 18.12
N GLY B 31 23.70 14.73 18.80
CA GLY B 31 23.36 16.08 18.30
C GLY B 31 21.88 16.31 18.07
N PHE B 32 21.05 15.29 18.30
CA PHE B 32 19.61 15.48 18.18
C PHE B 32 19.05 16.19 19.38
N SER B 33 17.89 16.78 19.18
CA SER B 33 17.22 17.50 20.27
C SER B 33 16.21 16.65 21.06
N LYS B 34 15.07 16.33 20.48
CA LYS B 34 14.04 15.56 21.21
C LYS B 34 13.83 14.25 20.45
N ILE B 35 13.39 13.23 21.16
CA ILE B 35 13.15 11.91 20.50
C ILE B 35 11.91 11.34 21.09
N LEU B 36 11.31 10.41 20.37
CA LEU B 36 10.21 9.63 20.76
C LEU B 36 10.40 8.20 20.23
N PHE B 37 10.34 7.21 21.14
CA PHE B 37 10.55 5.82 20.81
C PHE B 37 9.20 5.16 21.12
N GLY B 38 8.55 4.58 20.11
CA GLY B 38 7.24 3.94 20.30
C GLY B 38 7.33 2.52 19.79
N LEU B 39 6.76 1.57 20.51
CA LEU B 39 6.81 0.22 20.13
C LEU B 39 5.52 -0.47 20.58
N LEU B 40 4.95 -1.24 19.65
CA LEU B 40 3.74 -2.02 19.87
C LEU B 40 4.01 -3.51 19.75
N PRO B 41 3.20 -4.34 20.48
CA PRO B 41 3.32 -5.79 20.23
C PRO B 41 2.83 -6.20 18.88
N LYS B 42 3.25 -7.40 18.46
CA LYS B 42 2.85 -7.96 17.17
C LYS B 42 1.35 -8.02 17.01
N ASP B 43 0.87 -7.63 15.82
CA ASP B 43 -0.57 -7.68 15.49
C ASP B 43 -1.48 -6.91 16.45
N SER B 44 -1.03 -5.74 16.90
CA SER B 44 -1.83 -4.94 17.84
C SER B 44 -2.91 -4.17 17.07
N GLN B 45 -4.16 -4.22 17.52
CA GLN B 45 -5.27 -3.52 16.85
C GLN B 45 -5.58 -2.19 17.59
N ASP B 46 -4.97 -1.98 18.76
CA ASP B 46 -5.17 -0.77 19.58
C ASP B 46 -3.80 -0.18 19.78
N TYR B 47 -3.74 0.92 20.52
CA TYR B 47 -2.50 1.43 21.12
C TYR B 47 -2.40 1.06 22.59
N GLU B 48 -3.18 0.08 23.03
CA GLU B 48 -3.44 -0.13 24.45
C GLU B 48 -2.21 -0.67 25.19
N ASN B 49 -1.43 -1.52 24.54
CA ASN B 49 -0.15 -1.95 25.08
C ASN B 49 1.06 -1.29 24.44
N ALA B 50 0.93 -0.06 23.93
CA ALA B 50 2.11 0.62 23.37
C ALA B 50 3.06 1.04 24.48
N PHE B 51 4.35 0.95 24.18
CA PHE B 51 5.42 1.40 24.98
C PHE B 51 5.89 2.65 24.27
N ILE B 52 5.57 3.82 24.82
CA ILE B 52 5.99 5.05 24.15
C ILE B 52 6.74 5.85 25.16
N VAL B 53 7.96 6.19 24.84
CA VAL B 53 8.79 6.97 25.75
C VAL B 53 9.66 7.97 24.99
N GLY B 54 10.03 9.04 25.70
CA GLY B 54 10.90 10.08 25.20
C GLY B 54 10.69 11.44 25.85
N ASN B 55 11.16 12.47 25.17
CA ASN B 55 11.14 13.86 25.67
C ASN B 55 10.46 14.83 24.70
N TYR B 56 9.55 14.35 23.86
CA TYR B 56 8.62 15.27 23.13
C TYR B 56 7.77 15.99 24.17
N PRO B 57 7.43 17.26 23.92
CA PRO B 57 6.61 18.02 24.86
C PRO B 57 5.26 17.38 25.18
N ALA B 58 4.83 17.49 26.44
CA ALA B 58 3.59 16.91 26.90
C ALA B 58 2.38 17.44 26.09
N ALA B 59 2.37 18.74 25.80
CA ALA B 59 1.22 19.35 25.10
C ALA B 59 1.03 18.73 23.68
N TRP B 60 2.15 18.55 23.02
CA TRP B 60 2.15 17.90 21.68
C TRP B 60 1.75 16.42 21.70
N ARG B 61 2.30 15.63 22.62
CA ARG B 61 1.82 14.28 22.87
C ARG B 61 0.31 14.17 23.04
N GLU B 62 -0.23 15.05 23.88
CA GLU B 62 -1.65 15.05 24.14
C GLU B 62 -2.45 15.40 22.94
N HIS B 63 -2.04 16.42 22.25
CA HIS B 63 -2.73 16.87 21.08
C HIS B 63 -2.72 15.84 19.91
N TYR B 64 -1.55 15.26 19.69
CA TYR B 64 -1.41 14.16 18.71
C TYR B 64 -2.40 13.04 18.96
N ASP B 65 -2.45 12.62 20.20
CA ASP B 65 -3.45 11.62 20.62
C ASP B 65 -4.88 12.05 20.42
N ARG B 66 -5.27 13.20 20.99
CA ARG B 66 -6.66 13.72 20.82
C ARG B 66 -7.08 13.95 19.38
N ALA B 67 -6.19 14.43 18.54
CA ALA B 67 -6.53 14.68 17.12
C ALA B 67 -6.51 13.41 16.24
N GLY B 68 -6.05 12.28 16.78
CA GLY B 68 -5.91 11.01 16.04
C GLY B 68 -4.84 11.05 14.93
N TYR B 69 -3.74 11.76 15.17
CA TYR B 69 -2.76 11.95 14.11
C TYR B 69 -2.04 10.66 13.75
N ALA B 70 -2.02 9.65 14.64
CA ALA B 70 -1.44 8.36 14.29
C ALA B 70 -1.98 7.83 12.98
N ARG B 71 -3.21 8.18 12.63
CA ARG B 71 -3.85 7.67 11.44
C ARG B 71 -3.57 8.48 10.19
N VAL B 72 -2.94 9.67 10.30
CA VAL B 72 -2.58 10.42 9.08
C VAL B 72 -1.09 10.70 8.96
N ASP B 73 -0.36 10.71 10.07
CA ASP B 73 1.10 10.95 10.14
C ASP B 73 1.74 10.11 9.01
N PRO B 74 2.42 10.77 8.05
CA PRO B 74 2.97 10.06 6.92
C PRO B 74 4.16 9.11 7.34
N THR B 75 4.81 9.38 8.49
CA THR B 75 5.91 8.57 8.98
C THR B 75 5.40 7.25 9.54
N VAL B 76 4.25 7.26 10.16
CA VAL B 76 3.61 6.04 10.68
C VAL B 76 3.17 5.14 9.56
N SER B 77 2.44 5.67 8.58
CA SER B 77 2.16 4.83 7.39
C SER B 77 3.48 4.28 6.77
N HIS B 78 4.51 5.11 6.63
CA HIS B 78 5.76 4.64 6.06
C HIS B 78 6.35 3.42 6.84
N CYS B 79 6.34 3.55 8.16
CA CYS B 79 6.86 2.48 9.06
C CYS B 79 6.16 1.13 8.82
N THR B 80 4.90 1.13 8.41
CA THR B 80 4.13 -0.11 8.23
CA THR B 80 4.18 -0.15 8.24
C THR B 80 4.59 -0.83 6.96
N GLN B 81 5.25 -0.09 6.10
CA GLN B 81 5.72 -0.54 4.78
C GLN B 81 7.24 -0.68 4.56
N SER B 82 8.08 -0.16 5.48
CA SER B 82 9.51 -0.05 5.18
C SER B 82 10.38 -0.21 6.42
N VAL B 83 11.65 -0.56 6.21
CA VAL B 83 12.67 -0.52 7.30
C VAL B 83 13.58 0.68 7.12
N LEU B 84 13.42 1.44 6.04
CA LEU B 84 14.36 2.57 5.77
C LEU B 84 13.89 3.87 6.47
N PRO B 85 14.80 4.78 6.77
CA PRO B 85 14.39 6.05 7.38
C PRO B 85 13.53 6.93 6.45
N ILE B 86 12.65 7.71 7.05
CA ILE B 86 11.88 8.75 6.30
C ILE B 86 12.24 10.08 6.92
N PHE B 87 12.91 10.93 6.14
CA PHE B 87 13.28 12.27 6.64
C PHE B 87 12.06 13.19 6.59
N TRP B 88 11.97 14.12 7.51
CA TRP B 88 10.79 15.04 7.61
C TRP B 88 10.90 16.15 6.51
N GLU B 89 10.84 15.71 5.26
CA GLU B 89 10.89 16.65 4.15
C GLU B 89 9.46 17.14 3.81
N PRO B 90 9.32 18.38 3.37
CA PRO B 90 7.93 18.88 3.06
C PRO B 90 7.16 17.99 2.09
N SER B 91 7.85 17.33 1.19
CA SER B 91 7.18 16.45 0.25
C SER B 91 6.49 15.21 0.84
N ILE B 92 6.74 14.87 2.12
CA ILE B 92 6.03 13.72 2.70
C ILE B 92 4.62 14.09 3.15
N TYR B 93 4.31 15.39 3.25
CA TYR B 93 3.03 15.89 3.67
C TYR B 93 2.12 16.22 2.46
N GLN B 94 1.31 15.28 2.01
CA GLN B 94 0.58 15.42 0.75
C GLN B 94 -0.93 15.70 0.92
N THR B 95 -1.59 14.94 1.79
CA THR B 95 -3.06 15.11 1.98
C THR B 95 -3.32 16.37 2.83
N ARG B 96 -4.51 16.92 2.74
CA ARG B 96 -4.83 18.08 3.59
C ARG B 96 -4.58 17.80 5.08
N LYS B 97 -4.96 16.60 5.53
CA LYS B 97 -4.75 16.29 6.94
C LYS B 97 -3.23 16.23 7.30
N GLN B 98 -2.45 15.61 6.44
CA GLN B 98 -0.96 15.64 6.55
C GLN B 98 -0.35 17.01 6.61
N HIS B 99 -0.91 17.95 5.82
CA HIS B 99 -0.46 19.30 5.81
C HIS B 99 -0.81 20.00 7.10
N GLU B 100 -2.01 19.73 7.62
CA GLU B 100 -2.41 20.22 8.93
C GLU B 100 -1.44 19.67 10.04
N PHE B 101 -1.19 18.40 10.00
CA PHE B 101 -0.19 17.76 10.93
C PHE B 101 1.16 18.46 10.89
N PHE B 102 1.64 18.73 9.69
CA PHE B 102 2.92 19.42 9.53
C PHE B 102 2.91 20.78 10.22
N GLU B 103 1.81 21.55 10.01
CA GLU B 103 1.66 22.85 10.60
C GLU B 103 1.63 22.78 12.14
N GLU B 104 0.89 21.82 12.67
CA GLU B 104 0.75 21.68 14.13
C GLU B 104 2.07 21.25 14.77
N ALA B 105 2.76 20.33 14.12
CA ALA B 105 4.05 19.84 14.63
C ALA B 105 5.07 20.98 14.60
N SER B 106 5.10 21.75 13.51
CA SER B 106 5.95 22.97 13.48
C SER B 106 5.63 23.95 14.63
N ALA B 107 4.37 24.19 14.89
CA ALA B 107 3.95 25.15 15.93
C ALA B 107 4.41 24.64 17.32
N ALA B 108 4.44 23.31 17.46
CA ALA B 108 5.02 22.67 18.64
C ALA B 108 6.57 22.69 18.64
N GLY B 109 7.19 23.08 17.55
CA GLY B 109 8.64 23.23 17.45
C GLY B 109 9.37 22.04 16.87
N LEU B 110 8.61 21.08 16.29
CA LEU B 110 9.19 19.90 15.64
C LEU B 110 9.04 20.05 14.15
N VAL B 111 10.13 20.47 13.49
CA VAL B 111 10.16 20.81 12.09
C VAL B 111 11.13 19.92 11.31
N TYR B 112 12.39 19.89 11.73
CA TYR B 112 13.43 19.11 11.11
C TYR B 112 13.67 17.81 11.88
N GLY B 113 13.88 16.76 11.14
CA GLY B 113 14.17 15.45 11.78
C GLY B 113 13.94 14.29 10.88
N LEU B 114 13.81 13.11 11.49
CA LEU B 114 13.65 11.86 10.75
C LEU B 114 13.03 10.82 11.67
N THR B 115 12.45 9.79 11.03
CA THR B 115 11.83 8.66 11.71
C THR B 115 12.41 7.36 11.16
N MET B 116 12.93 6.54 12.09
CA MET B 116 13.50 5.20 11.80
C MET B 116 12.44 4.16 12.13
N PRO B 117 11.89 3.43 11.13
CA PRO B 117 10.98 2.37 11.52
C PRO B 117 11.65 1.28 12.36
N LEU B 118 10.86 0.58 13.16
CA LEU B 118 11.28 -0.47 14.03
C LEU B 118 10.45 -1.73 13.73
N HIS B 119 11.14 -2.80 13.32
CA HIS B 119 10.52 -4.11 13.09
C HIS B 119 11.31 -5.19 13.88
N GLY B 120 10.72 -5.70 14.95
CA GLY B 120 11.41 -6.54 15.88
C GLY B 120 11.36 -8.00 15.40
N ALA B 121 12.23 -8.77 16.02
CA ALA B 121 12.36 -10.23 15.72
C ALA B 121 11.14 -11.01 16.13
N ARG B 122 10.39 -10.45 17.06
CA ARG B 122 9.11 -11.07 17.40
C ARG B 122 7.88 -10.36 16.86
N GLY B 123 8.03 -9.65 15.74
CA GLY B 123 6.93 -8.91 15.12
C GLY B 123 6.53 -7.58 15.82
N GLU B 124 7.34 -7.08 16.75
CA GLU B 124 7.10 -5.76 17.38
C GLU B 124 7.19 -4.70 16.26
N LEU B 125 6.34 -3.67 16.36
CA LEU B 125 6.20 -2.65 15.36
C LEU B 125 6.39 -1.29 16.01
N GLY B 126 7.27 -0.45 15.46
CA GLY B 126 7.41 0.88 16.04
C GLY B 126 8.19 1.86 15.22
N ALA B 127 8.69 2.87 15.92
CA ALA B 127 9.38 3.98 15.29
C ALA B 127 10.25 4.64 16.33
N LEU B 128 11.42 5.09 15.90
CA LEU B 128 12.21 5.95 16.68
C LEU B 128 12.29 7.28 15.88
N SER B 129 11.73 8.35 16.45
CA SER B 129 11.70 9.67 15.80
C SER B 129 12.63 10.61 16.52
N LEU B 130 13.39 11.39 15.76
CA LEU B 130 14.39 12.31 16.34
C LEU B 130 14.31 13.68 15.61
N SER B 131 14.22 14.75 16.38
CA SER B 131 14.16 16.12 15.83
C SER B 131 15.55 16.76 15.94
N VAL B 132 15.82 17.73 15.08
CA VAL B 132 17.11 18.44 14.98
C VAL B 132 16.79 19.92 15.05
N GLU B 133 17.51 20.66 15.91
CA GLU B 133 17.47 22.12 15.86
C GLU B 133 18.49 22.60 14.86
N ALA B 134 18.09 23.52 13.99
CA ALA B 134 18.95 24.07 12.94
C ALA B 134 18.40 25.39 12.39
N GLU B 135 19.28 26.13 11.70
CA GLU B 135 18.95 27.41 11.04
C GLU B 135 17.94 27.26 9.92
N ASN B 136 18.06 26.16 9.17
CA ASN B 136 17.22 25.88 8.02
C ASN B 136 17.34 24.39 7.70
N ARG B 137 16.58 23.94 6.71
CA ARG B 137 16.45 22.50 6.44
C ARG B 137 17.70 21.88 5.82
N ALA B 138 18.40 22.61 4.95
CA ALA B 138 19.63 22.12 4.36
C ALA B 138 20.70 21.83 5.42
N GLU B 139 20.81 22.73 6.40
CA GLU B 139 21.68 22.58 7.59
C GLU B 139 21.29 21.32 8.38
N ALA B 140 20.01 21.21 8.65
CA ALA B 140 19.47 20.01 9.23
C ALA B 140 19.85 18.74 8.49
N ASN B 141 19.69 18.72 7.17
CA ASN B 141 19.91 17.52 6.35
C ASN B 141 21.39 17.14 6.32
N ARG B 142 22.24 18.18 6.31
CA ARG B 142 23.70 17.99 6.39
C ARG B 142 24.09 17.36 7.71
N PHE B 143 23.56 17.87 8.82
CA PHE B 143 23.80 17.23 10.12
C PHE B 143 23.37 15.75 10.11
N MET B 144 22.11 15.49 9.74
CA MET B 144 21.56 14.12 9.79
C MET B 144 22.34 13.19 8.87
N GLU B 145 22.71 13.68 7.69
CA GLU B 145 23.57 12.87 6.82
C GLU B 145 24.87 12.41 7.52
N SER B 146 25.48 13.31 8.26
CA SER B 146 26.75 13.08 8.92
C SER B 146 26.68 12.05 10.06
N VAL B 147 25.54 11.93 10.73
CA VAL B 147 25.40 10.95 11.84
C VAL B 147 24.54 9.74 11.53
N LEU B 148 24.11 9.61 10.29
CA LEU B 148 23.16 8.59 9.92
C LEU B 148 23.67 7.18 10.19
N PRO B 149 24.95 6.87 9.85
CA PRO B 149 25.44 5.52 10.12
C PRO B 149 25.38 5.13 11.62
N THR B 150 25.70 6.06 12.52
CA THR B 150 25.58 5.85 13.96
C THR B 150 24.12 5.67 14.41
N LEU B 151 23.25 6.55 13.93
CA LEU B 151 21.85 6.45 14.20
C LEU B 151 21.25 5.11 13.71
N TRP B 152 21.73 4.66 12.56
CA TRP B 152 21.23 3.42 11.92
C TRP B 152 21.53 2.22 12.80
N MET B 153 22.70 2.22 13.45
CA MET B 153 23.00 1.15 14.46
C MET B 153 22.18 1.36 15.73
N LEU B 154 22.16 2.58 16.25
CA LEU B 154 21.44 2.94 17.47
C LEU B 154 19.99 2.49 17.43
N LYS B 155 19.31 2.69 16.29
CA LYS B 155 17.89 2.31 16.26
C LYS B 155 17.64 0.82 16.48
N ASP B 156 18.56 0.00 15.96
CA ASP B 156 18.47 -1.43 16.18
C ASP B 156 18.87 -1.87 17.63
N TYR B 157 19.88 -1.25 18.21
CA TYR B 157 20.18 -1.50 19.64
C TYR B 157 19.00 -1.09 20.56
N ALA B 158 18.34 0.04 20.24
CA ALA B 158 17.20 0.53 21.02
C ALA B 158 16.02 -0.36 20.87
N LEU B 159 15.83 -0.86 19.64
CA LEU B 159 14.81 -1.80 19.39
C LEU B 159 15.04 -3.09 20.23
N GLN B 160 16.20 -3.69 20.11
CA GLN B 160 16.43 -5.00 20.74
C GLN B 160 16.30 -4.85 22.28
N SER B 161 16.90 -3.79 22.84
CA SER B 161 16.81 -3.57 24.31
C SER B 161 15.40 -3.18 24.74
N GLY B 162 14.79 -2.27 24.03
CA GLY B 162 13.43 -1.82 24.42
C GLY B 162 12.33 -2.84 24.35
N ALA B 163 12.39 -3.70 23.32
CA ALA B 163 11.47 -4.81 23.12
C ALA B 163 11.41 -5.69 24.37
N GLY B 164 12.58 -6.01 24.89
CA GLY B 164 12.75 -6.80 26.09
C GLY B 164 12.23 -6.12 27.33
N LEU B 165 12.43 -4.82 27.43
CA LEU B 165 11.86 -4.01 28.51
C LEU B 165 10.36 -3.81 28.37
N ALA B 166 9.86 -3.54 27.19
CA ALA B 166 8.45 -3.30 26.98
C ALA B 166 7.63 -4.53 27.34
N PHE C 7 -3.42 7.28 -16.84
CA PHE C 7 -4.65 6.60 -17.30
C PHE C 7 -5.29 7.20 -18.54
N LEU C 8 -5.14 8.51 -18.77
CA LEU C 8 -5.84 9.15 -19.91
C LEU C 8 -5.30 8.72 -21.31
N GLU C 9 -4.14 8.05 -21.33
CA GLU C 9 -3.61 7.40 -22.57
C GLU C 9 -4.62 6.40 -23.21
N LEU C 10 -5.47 5.78 -22.39
CA LEU C 10 -6.52 4.90 -22.94
C LEU C 10 -7.51 5.63 -23.79
N GLU C 11 -8.07 6.72 -23.24
CA GLU C 11 -9.05 7.52 -24.01
C GLU C 11 -8.36 8.17 -25.21
N ARG C 12 -7.09 8.55 -25.01
CA ARG C 12 -6.24 9.19 -26.03
C ARG C 12 -5.56 8.20 -27.02
N SER C 13 -5.88 6.90 -26.92
CA SER C 13 -5.48 5.89 -27.92
C SER C 13 -6.22 6.11 -29.27
N SER C 14 -5.62 5.64 -30.35
CA SER C 14 -6.12 5.90 -31.71
C SER C 14 -7.32 5.02 -32.10
N GLY C 15 -7.43 3.85 -31.52
CA GLY C 15 -8.47 2.87 -31.90
C GLY C 15 -8.24 1.53 -31.17
N LYS C 16 -9.01 0.51 -31.54
CA LYS C 16 -9.06 -0.78 -30.80
C LYS C 16 -7.67 -1.29 -30.50
N LEU C 17 -6.86 -1.41 -31.54
CA LEU C 17 -5.58 -2.10 -31.42
C LEU C 17 -4.69 -1.34 -30.45
N GLU C 18 -4.54 -0.03 -30.64
CA GLU C 18 -3.72 0.74 -29.70
C GLU C 18 -4.27 0.74 -28.20
N TRP C 19 -5.59 0.80 -28.07
CA TRP C 19 -6.24 0.70 -26.73
C TRP C 19 -5.98 -0.66 -26.06
N SER C 20 -6.32 -1.76 -26.76
CA SER C 20 -5.95 -3.14 -26.31
C SER C 20 -4.52 -3.29 -25.87
N ALA C 21 -3.55 -2.82 -26.66
CA ALA C 21 -2.14 -2.92 -26.27
C ALA C 21 -1.79 -2.07 -25.09
N ILE C 22 -2.36 -0.87 -25.04
CA ILE C 22 -2.12 0.02 -23.93
C ILE C 22 -2.73 -0.61 -22.68
N LEU C 23 -3.95 -1.11 -22.82
CA LEU C 23 -4.62 -1.76 -21.66
C LEU C 23 -3.78 -2.95 -21.17
N GLN C 24 -3.40 -3.83 -22.11
CA GLN C 24 -2.60 -5.02 -21.76
C GLN C 24 -1.24 -4.63 -21.20
N LYS C 25 -0.64 -3.55 -21.73
CA LYS C 25 0.63 -3.04 -21.14
C LYS C 25 0.55 -2.41 -19.73
N MET C 26 -0.44 -1.54 -19.51
CA MET C 26 -0.71 -1.09 -18.11
C MET C 26 -0.86 -2.25 -17.15
N ALA C 27 -1.63 -3.25 -17.60
CA ALA C 27 -1.81 -4.47 -16.82
C ALA C 27 -0.50 -5.18 -16.55
N SER C 28 0.33 -5.45 -17.59
CA SER C 28 1.65 -6.09 -17.36
C SER C 28 2.56 -5.24 -16.48
N ASP C 29 2.54 -3.92 -16.64
CA ASP C 29 3.40 -3.05 -15.79
C ASP C 29 3.01 -3.12 -14.35
N LEU C 30 1.70 -3.29 -14.09
CA LEU C 30 1.24 -3.49 -12.72
C LEU C 30 1.55 -4.89 -12.19
N GLY C 31 1.77 -5.86 -13.08
CA GLY C 31 2.14 -7.23 -12.72
C GLY C 31 1.23 -8.37 -13.14
N PHE C 32 0.23 -8.11 -13.99
CA PHE C 32 -0.72 -9.10 -14.46
C PHE C 32 -0.46 -9.40 -15.91
N SER C 33 -0.02 -10.63 -16.18
CA SER C 33 0.25 -11.04 -17.54
C SER C 33 -0.96 -11.36 -18.38
N LYS C 34 -2.13 -11.59 -17.74
CA LYS C 34 -3.29 -11.98 -18.48
C LYS C 34 -4.46 -11.06 -18.09
N ILE C 35 -5.15 -10.53 -19.08
CA ILE C 35 -6.34 -9.69 -18.85
C ILE C 35 -7.39 -9.90 -19.87
N LEU C 36 -8.64 -9.71 -19.46
CA LEU C 36 -9.70 -9.76 -20.38
C LEU C 36 -10.71 -8.68 -19.97
N PHE C 37 -11.05 -7.87 -20.95
CA PHE C 37 -12.05 -6.81 -20.82
C PHE C 37 -13.23 -7.23 -21.63
N GLY C 38 -14.39 -7.31 -21.01
CA GLY C 38 -15.59 -7.66 -21.66
C GLY C 38 -16.69 -6.69 -21.39
N LEU C 39 -17.34 -6.21 -22.44
CA LEU C 39 -18.46 -5.24 -22.31
C LEU C 39 -19.61 -5.52 -23.23
N LEU C 40 -20.83 -5.54 -22.69
CA LEU C 40 -22.07 -5.65 -23.44
C LEU C 40 -22.89 -4.36 -23.40
N PRO C 41 -23.68 -4.13 -24.47
CA PRO C 41 -24.59 -2.96 -24.46
C PRO C 41 -25.73 -3.15 -23.51
N LYS C 42 -26.42 -2.05 -23.18
CA LYS C 42 -27.50 -2.05 -22.24
C LYS C 42 -28.53 -3.11 -22.58
N ASP C 43 -28.98 -3.86 -21.57
CA ASP C 43 -30.04 -4.87 -21.73
C ASP C 43 -29.77 -5.89 -22.89
N SER C 44 -28.50 -6.27 -23.09
CA SER C 44 -28.15 -7.35 -24.03
C SER C 44 -28.73 -8.71 -23.61
N GLN C 45 -29.25 -9.42 -24.61
CA GLN C 45 -29.94 -10.73 -24.43
C GLN C 45 -28.93 -11.91 -24.53
N ASP C 46 -27.87 -11.72 -25.32
CA ASP C 46 -26.81 -12.72 -25.47
C ASP C 46 -25.50 -11.98 -25.61
N TYR C 47 -24.48 -12.60 -26.19
CA TYR C 47 -23.16 -11.96 -26.41
C TYR C 47 -22.90 -11.56 -27.87
N GLU C 48 -23.91 -11.60 -28.72
CA GLU C 48 -23.70 -11.27 -30.16
C GLU C 48 -23.06 -9.90 -30.41
N ASN C 49 -23.30 -8.93 -29.52
CA ASN C 49 -22.71 -7.60 -29.64
C ASN C 49 -21.63 -7.29 -28.58
N ALA C 50 -21.06 -8.32 -27.95
CA ALA C 50 -20.05 -8.11 -26.92
C ALA C 50 -18.73 -7.60 -27.51
N PHE C 51 -18.06 -6.71 -26.79
CA PHE C 51 -16.72 -6.24 -27.11
C PHE C 51 -15.84 -6.90 -26.13
N ILE C 52 -14.96 -7.77 -26.58
CA ILE C 52 -14.15 -8.57 -25.67
C ILE C 52 -12.78 -8.54 -26.19
N VAL C 53 -11.85 -8.03 -25.38
CA VAL C 53 -10.49 -7.97 -25.77
C VAL C 53 -9.53 -8.23 -24.61
N GLY C 54 -8.35 -8.67 -24.99
CA GLY C 54 -7.33 -9.02 -24.02
C GLY C 54 -6.40 -10.08 -24.54
N ASN C 55 -5.62 -10.66 -23.62
CA ASN C 55 -4.58 -11.67 -24.00
C ASN C 55 -4.71 -12.96 -23.17
N TYR C 56 -5.94 -13.33 -22.81
CA TYR C 56 -6.18 -14.67 -22.32
C TYR C 56 -5.78 -15.60 -23.48
N PRO C 57 -5.26 -16.77 -23.16
CA PRO C 57 -4.98 -17.79 -24.26
C PRO C 57 -6.22 -18.20 -25.07
N ALA C 58 -6.04 -18.28 -26.39
CA ALA C 58 -7.05 -18.66 -27.30
C ALA C 58 -7.75 -19.97 -26.92
N ALA C 59 -7.01 -20.95 -26.41
CA ALA C 59 -7.65 -22.29 -26.22
C ALA C 59 -8.64 -22.16 -25.04
N TRP C 60 -8.27 -21.35 -24.06
CA TRP C 60 -9.17 -21.07 -22.90
C TRP C 60 -10.39 -20.22 -23.29
N ARG C 61 -10.19 -19.15 -24.05
CA ARG C 61 -11.30 -18.42 -24.65
C ARG C 61 -12.25 -19.33 -25.33
N GLU C 62 -11.70 -20.26 -26.12
CA GLU C 62 -12.58 -21.10 -26.91
C GLU C 62 -13.32 -22.11 -26.03
N HIS C 63 -12.60 -22.69 -25.08
CA HIS C 63 -13.15 -23.67 -24.15
C HIS C 63 -14.32 -23.08 -23.28
N TYR C 64 -14.12 -21.86 -22.83
CA TYR C 64 -15.13 -21.16 -21.98
C TYR C 64 -16.39 -20.93 -22.80
N ASP C 65 -16.24 -20.49 -24.03
CA ASP C 65 -17.40 -20.36 -24.92
C ASP C 65 -18.13 -21.71 -25.18
N ARG C 66 -17.38 -22.70 -25.65
CA ARG C 66 -17.94 -24.03 -25.95
C ARG C 66 -18.62 -24.69 -24.74
N ALA C 67 -18.05 -24.52 -23.55
CA ALA C 67 -18.62 -25.10 -22.33
C ALA C 67 -19.81 -24.32 -21.70
N GLY C 68 -20.10 -23.12 -22.20
CA GLY C 68 -21.16 -22.28 -21.70
C GLY C 68 -20.83 -21.76 -20.31
N TYR C 69 -19.54 -21.49 -20.07
CA TYR C 69 -19.09 -21.11 -18.72
C TYR C 69 -19.57 -19.77 -18.22
N ALA C 70 -20.06 -18.89 -19.12
CA ALA C 70 -20.68 -17.64 -18.65
C ALA C 70 -21.85 -17.93 -17.71
N ARG C 71 -22.44 -19.14 -17.79
CA ARG C 71 -23.55 -19.53 -16.92
C ARG C 71 -23.11 -20.19 -15.62
N VAL C 72 -21.81 -20.42 -15.44
CA VAL C 72 -21.30 -21.12 -14.25
C VAL C 72 -20.26 -20.29 -13.49
N ASP C 73 -19.38 -19.60 -14.24
CA ASP C 73 -18.37 -18.70 -13.67
C ASP C 73 -19.03 -17.81 -12.60
N PRO C 74 -18.63 -17.92 -11.31
CA PRO C 74 -19.29 -17.15 -10.29
C PRO C 74 -19.03 -15.67 -10.34
N THR C 75 -18.00 -15.26 -11.09
CA THR C 75 -17.73 -13.84 -11.18
C THR C 75 -18.76 -13.17 -12.05
N VAL C 76 -19.42 -13.91 -12.95
CA VAL C 76 -20.35 -13.29 -13.84
C VAL C 76 -21.61 -12.88 -13.04
N SER C 77 -22.17 -13.80 -12.23
CA SER C 77 -23.36 -13.45 -11.43
CA SER C 77 -23.35 -13.49 -11.39
C SER C 77 -23.01 -12.33 -10.42
N HIS C 78 -21.81 -12.38 -9.84
CA HIS C 78 -21.36 -11.32 -8.95
C HIS C 78 -21.51 -9.94 -9.67
N CYS C 79 -20.97 -9.85 -10.89
CA CYS C 79 -20.97 -8.57 -11.64
C CYS C 79 -22.41 -7.99 -11.85
N THR C 80 -23.43 -8.85 -11.92
CA THR C 80 -24.83 -8.42 -12.06
CA THR C 80 -24.81 -8.40 -12.05
C THR C 80 -25.34 -7.80 -10.75
N GLN C 81 -24.67 -8.06 -9.64
CA GLN C 81 -25.11 -7.63 -8.35
C GLN C 81 -24.28 -6.59 -7.63
N SER C 82 -23.10 -6.21 -8.13
CA SER C 82 -22.21 -5.41 -7.30
C SER C 82 -21.27 -4.60 -8.26
N VAL C 83 -20.75 -3.51 -7.71
CA VAL C 83 -19.65 -2.74 -8.27
C VAL C 83 -18.30 -3.08 -7.62
N LEU C 84 -18.28 -3.92 -6.60
CA LEU C 84 -17.02 -4.21 -5.93
C LEU C 84 -16.30 -5.42 -6.59
N PRO C 85 -14.98 -5.47 -6.53
CA PRO C 85 -14.21 -6.64 -7.03
C PRO C 85 -14.53 -7.93 -6.34
N ILE C 86 -14.47 -9.01 -7.10
CA ILE C 86 -14.52 -10.38 -6.56
C ILE C 86 -13.14 -11.02 -6.83
N PHE C 87 -12.47 -11.34 -5.75
CA PHE C 87 -11.22 -12.09 -5.83
C PHE C 87 -11.42 -13.59 -6.07
N TRP C 88 -10.51 -14.22 -6.80
CA TRP C 88 -10.62 -15.64 -7.19
C TRP C 88 -10.08 -16.47 -6.03
N GLU C 89 -10.98 -16.88 -5.19
CA GLU C 89 -10.59 -17.65 -4.02
C GLU C 89 -11.51 -18.82 -3.86
N PRO C 90 -11.08 -19.86 -3.12
CA PRO C 90 -11.84 -21.07 -2.98
C PRO C 90 -13.25 -20.83 -2.64
N SER C 91 -13.53 -19.91 -1.73
CA SER C 91 -14.91 -19.71 -1.29
C SER C 91 -15.92 -19.34 -2.39
N ILE C 92 -15.49 -18.75 -3.50
CA ILE C 92 -16.47 -18.39 -4.58
C ILE C 92 -16.94 -19.52 -5.46
N TYR C 93 -16.24 -20.66 -5.41
CA TYR C 93 -16.67 -21.84 -6.19
C TYR C 93 -17.38 -22.73 -5.19
N GLN C 94 -18.70 -22.76 -5.28
CA GLN C 94 -19.51 -23.42 -4.26
C GLN C 94 -19.88 -24.83 -4.70
N THR C 95 -20.43 -24.95 -5.91
CA THR C 95 -20.85 -26.24 -6.49
C THR C 95 -19.68 -26.99 -7.20
N ARG C 96 -19.85 -28.30 -7.49
CA ARG C 96 -18.82 -29.10 -8.22
C ARG C 96 -18.52 -28.50 -9.61
N LYS C 97 -19.57 -28.03 -10.23
CA LYS C 97 -19.54 -27.46 -11.55
C LYS C 97 -18.69 -26.15 -11.53
N GLN C 98 -18.86 -25.33 -10.50
CA GLN C 98 -17.97 -24.20 -10.29
C GLN C 98 -16.56 -24.64 -9.94
N HIS C 99 -16.40 -25.76 -9.23
CA HIS C 99 -15.06 -26.20 -8.86
C HIS C 99 -14.35 -26.70 -10.12
N GLU C 100 -15.03 -27.40 -11.00
CA GLU C 100 -14.37 -27.84 -12.22
C GLU C 100 -14.14 -26.67 -13.25
N PHE C 101 -14.99 -25.65 -13.26
CA PHE C 101 -14.61 -24.33 -13.88
C PHE C 101 -13.29 -23.86 -13.30
N PHE C 102 -13.19 -23.79 -11.98
CA PHE C 102 -11.90 -23.46 -11.34
C PHE C 102 -10.69 -24.31 -11.78
N GLU C 103 -10.90 -25.64 -11.86
CA GLU C 103 -9.81 -26.56 -12.26
C GLU C 103 -9.35 -26.37 -13.73
N GLU C 104 -10.29 -26.09 -14.61
CA GLU C 104 -10.00 -25.89 -15.99
C GLU C 104 -9.34 -24.57 -16.25
N ALA C 105 -9.81 -23.51 -15.60
CA ALA C 105 -9.06 -22.25 -15.61
C ALA C 105 -7.65 -22.39 -15.13
N SER C 106 -7.48 -23.14 -14.02
CA SER C 106 -6.15 -23.46 -13.48
C SER C 106 -5.21 -24.23 -14.44
N ALA C 107 -5.75 -25.28 -15.01
CA ALA C 107 -5.06 -26.05 -16.07
C ALA C 107 -4.67 -25.17 -17.27
N ALA C 108 -5.49 -24.15 -17.57
CA ALA C 108 -5.16 -23.15 -18.63
C ALA C 108 -4.13 -22.11 -18.23
N GLY C 109 -3.77 -22.06 -16.96
CA GLY C 109 -2.79 -21.18 -16.44
C GLY C 109 -3.35 -20.04 -15.60
N LEU C 110 -4.68 -19.95 -15.44
CA LEU C 110 -5.28 -18.82 -14.69
C LEU C 110 -5.78 -19.27 -13.33
N VAL C 111 -4.96 -19.04 -12.31
CA VAL C 111 -5.19 -19.51 -10.95
C VAL C 111 -5.51 -18.41 -9.97
N TYR C 112 -4.70 -17.34 -9.99
CA TYR C 112 -4.81 -16.23 -9.07
C TYR C 112 -5.24 -14.97 -9.82
N GLY C 113 -6.10 -14.20 -9.19
CA GLY C 113 -6.70 -13.08 -9.91
C GLY C 113 -7.87 -12.45 -9.25
N LEU C 114 -8.48 -11.53 -10.00
CA LEU C 114 -9.73 -10.89 -9.57
C LEU C 114 -10.53 -10.44 -10.78
N THR C 115 -11.82 -10.18 -10.52
CA THR C 115 -12.75 -9.63 -11.52
C THR C 115 -13.43 -8.34 -10.99
N MET C 116 -13.28 -7.25 -11.77
CA MET C 116 -13.85 -5.95 -11.40
C MET C 116 -15.11 -5.77 -12.27
N PRO C 117 -16.28 -5.69 -11.65
CA PRO C 117 -17.46 -5.41 -12.44
C PRO C 117 -17.38 -4.06 -13.15
N LEU C 118 -18.03 -3.99 -14.31
CA LEU C 118 -18.18 -2.78 -15.13
C LEU C 118 -19.66 -2.42 -15.32
N HIS C 119 -20.05 -1.21 -14.87
CA HIS C 119 -21.39 -0.68 -15.06
C HIS C 119 -21.30 0.74 -15.60
N GLY C 120 -21.61 0.90 -16.87
CA GLY C 120 -21.39 2.18 -17.54
C GLY C 120 -22.56 3.11 -17.37
N ALA C 121 -22.34 4.36 -17.74
CA ALA C 121 -23.33 5.39 -17.57
C ALA C 121 -24.57 5.22 -18.51
N ARG C 122 -24.42 4.49 -19.60
CA ARG C 122 -25.53 4.22 -20.49
C ARG C 122 -26.10 2.81 -20.35
N GLY C 123 -25.90 2.17 -19.20
CA GLY C 123 -26.36 0.80 -19.00
C GLY C 123 -25.44 -0.32 -19.52
N GLU C 124 -24.25 -0.01 -20.02
CA GLU C 124 -23.27 -1.05 -20.45
C GLU C 124 -22.93 -1.94 -19.25
N LEU C 125 -22.73 -3.22 -19.52
CA LEU C 125 -22.48 -4.21 -18.46
C LEU C 125 -21.30 -5.06 -18.83
N GLY C 126 -20.38 -5.24 -17.91
CA GLY C 126 -19.12 -5.86 -18.26
C GLY C 126 -18.30 -6.34 -17.07
N ALA C 127 -17.06 -6.70 -17.37
CA ALA C 127 -16.09 -7.17 -16.41
C ALA C 127 -14.71 -6.94 -16.94
N LEU C 128 -13.84 -6.54 -16.07
CA LEU C 128 -12.39 -6.54 -16.31
C LEU C 128 -11.76 -7.56 -15.34
N SER C 129 -11.19 -8.63 -15.92
CA SER C 129 -10.56 -9.67 -15.16
C SER C 129 -9.04 -9.67 -15.41
N LEU C 130 -8.29 -9.92 -14.36
CA LEU C 130 -6.86 -9.92 -14.44
C LEU C 130 -6.31 -11.08 -13.61
N SER C 131 -5.34 -11.80 -14.18
CA SER C 131 -4.74 -12.92 -13.48
C SER C 131 -3.28 -12.59 -13.24
N VAL C 132 -2.79 -12.97 -12.10
CA VAL C 132 -1.38 -12.82 -11.75
C VAL C 132 -0.71 -14.18 -11.65
N GLU C 133 0.47 -14.32 -12.27
CA GLU C 133 1.28 -15.55 -12.11
C GLU C 133 2.06 -15.43 -10.82
N ALA C 134 1.59 -16.08 -9.77
CA ALA C 134 2.24 -16.12 -8.47
C ALA C 134 2.39 -17.56 -8.05
N GLU C 135 3.26 -17.79 -7.06
CA GLU C 135 3.66 -19.15 -6.63
C GLU C 135 2.72 -19.75 -5.60
N ASN C 136 1.90 -18.92 -4.95
CA ASN C 136 0.93 -19.40 -3.97
C ASN C 136 -0.06 -18.26 -3.64
N ARG C 137 -1.12 -18.56 -2.92
CA ARG C 137 -2.15 -17.56 -2.66
C ARG C 137 -1.67 -16.42 -1.80
N ALA C 138 -0.67 -16.68 -0.96
CA ALA C 138 -0.13 -15.64 -0.08
C ALA C 138 0.59 -14.58 -0.88
N GLU C 139 1.45 -15.03 -1.80
CA GLU C 139 2.11 -14.09 -2.68
C GLU C 139 1.15 -13.37 -3.61
N ALA C 140 0.11 -14.07 -4.10
CA ALA C 140 -0.84 -13.45 -5.03
C ALA C 140 -1.58 -12.33 -4.31
N ASN C 141 -2.01 -12.60 -3.08
CA ASN C 141 -2.74 -11.66 -2.25
C ASN C 141 -1.92 -10.43 -1.90
N ARG C 142 -0.67 -10.63 -1.56
CA ARG C 142 0.22 -9.51 -1.23
C ARG C 142 0.38 -8.61 -2.42
N PHE C 143 0.63 -9.23 -3.55
CA PHE C 143 0.76 -8.49 -4.76
C PHE C 143 -0.50 -7.63 -5.06
N MET C 144 -1.68 -8.27 -4.92
CA MET C 144 -2.94 -7.62 -5.29
C MET C 144 -3.29 -6.44 -4.39
N GLU C 145 -3.06 -6.57 -3.08
CA GLU C 145 -3.11 -5.46 -2.14
C GLU C 145 -2.33 -4.20 -2.56
N SER C 146 -1.12 -4.44 -3.05
CA SER C 146 -0.19 -3.37 -3.38
C SER C 146 -0.63 -2.63 -4.60
N VAL C 147 -1.35 -3.31 -5.49
CA VAL C 147 -1.78 -2.69 -6.71
C VAL C 147 -3.26 -2.31 -6.67
N LEU C 148 -4.04 -2.69 -5.65
CA LEU C 148 -5.54 -2.59 -5.78
C LEU C 148 -6.10 -1.17 -5.98
N PRO C 149 -5.56 -0.15 -5.26
CA PRO C 149 -6.07 1.20 -5.56
C PRO C 149 -5.87 1.65 -7.00
N THR C 150 -4.70 1.34 -7.61
CA THR C 150 -4.46 1.64 -9.02
C THR C 150 -5.38 0.86 -9.95
N LEU C 151 -5.56 -0.42 -9.69
CA LEU C 151 -6.51 -1.20 -10.52
C LEU C 151 -7.92 -0.62 -10.43
N TRP C 152 -8.26 -0.15 -9.24
CA TRP C 152 -9.61 0.40 -8.98
C TRP C 152 -9.90 1.60 -9.87
N MET C 153 -8.87 2.47 -10.09
CA MET C 153 -9.03 3.52 -11.05
C MET C 153 -9.03 3.04 -12.44
N LEU C 154 -8.17 2.08 -12.75
CA LEU C 154 -8.01 1.59 -14.10
C LEU C 154 -9.27 1.05 -14.66
N LYS C 155 -10.05 0.39 -13.83
CA LYS C 155 -11.23 -0.27 -14.36
C LYS C 155 -12.25 0.73 -14.90
N ASP C 156 -12.42 1.84 -14.19
CA ASP C 156 -13.33 2.90 -14.62
C ASP C 156 -12.77 3.67 -15.84
N TYR C 157 -11.48 3.95 -15.88
CA TYR C 157 -10.87 4.57 -17.11
C TYR C 157 -11.01 3.66 -18.31
N ALA C 158 -10.79 2.36 -18.09
CA ALA C 158 -11.06 1.36 -19.14
C ALA C 158 -12.48 1.28 -19.59
N LEU C 159 -13.45 1.26 -18.63
CA LEU C 159 -14.83 1.23 -18.98
C LEU C 159 -15.27 2.46 -19.82
N GLN C 160 -14.88 3.65 -19.37
CA GLN C 160 -15.37 4.89 -19.99
C GLN C 160 -14.83 4.97 -21.46
N SER C 161 -13.54 4.78 -21.61
CA SER C 161 -12.86 4.72 -22.96
C SER C 161 -13.30 3.56 -23.82
N GLY C 162 -13.30 2.34 -23.27
CA GLY C 162 -13.83 1.21 -24.04
C GLY C 162 -15.28 1.28 -24.48
N ALA C 163 -16.16 1.81 -23.65
CA ALA C 163 -17.55 2.02 -24.05
C ALA C 163 -17.58 2.99 -25.28
N GLY C 164 -16.78 4.07 -25.26
CA GLY C 164 -16.60 5.00 -26.43
C GLY C 164 -16.08 4.31 -27.69
N LEU C 165 -15.07 3.46 -27.55
CA LEU C 165 -14.57 2.66 -28.70
C LEU C 165 -15.59 1.66 -29.23
N ALA C 166 -16.30 0.97 -28.34
CA ALA C 166 -16.88 -0.33 -28.69
C ALA C 166 -17.89 -0.28 -29.87
N PHE D 7 23.34 2.92 -5.14
CA PHE D 7 23.38 1.59 -4.43
C PHE D 7 22.04 0.81 -4.47
N LEU D 8 21.17 1.20 -3.52
CA LEU D 8 19.80 0.71 -3.39
C LEU D 8 19.06 1.09 -4.68
N GLU D 9 19.51 2.21 -5.25
CA GLU D 9 18.95 2.86 -6.42
C GLU D 9 19.21 1.93 -7.61
N LEU D 10 20.48 1.53 -7.73
CA LEU D 10 20.90 0.48 -8.69
C LEU D 10 20.03 -0.75 -8.48
N GLU D 11 19.91 -1.20 -7.23
CA GLU D 11 19.06 -2.36 -6.92
C GLU D 11 17.61 -2.27 -7.37
N ARG D 12 16.97 -1.10 -7.24
CA ARG D 12 15.71 -0.90 -8.00
C ARG D 12 16.08 -1.04 -9.53
N SER D 13 16.25 -2.31 -9.94
CA SER D 13 16.95 -2.80 -11.16
C SER D 13 15.98 -3.71 -11.87
N SER D 14 16.48 -4.68 -12.64
CA SER D 14 15.60 -5.65 -13.24
C SER D 14 16.22 -7.01 -13.17
N GLY D 15 15.48 -7.98 -12.68
CA GLY D 15 15.93 -9.35 -12.60
C GLY D 15 16.67 -9.70 -11.32
N LYS D 16 16.27 -10.81 -10.72
CA LYS D 16 16.96 -11.45 -9.61
C LYS D 16 18.47 -11.71 -9.84
N LEU D 17 18.88 -12.14 -11.05
CA LEU D 17 20.31 -12.38 -11.31
C LEU D 17 21.09 -11.05 -11.30
N GLU D 18 20.52 -10.00 -11.87
CA GLU D 18 21.15 -8.66 -11.82
C GLU D 18 21.13 -7.96 -10.43
N TRP D 19 20.03 -8.11 -9.69
CA TRP D 19 19.92 -7.56 -8.31
C TRP D 19 21.10 -8.13 -7.47
N SER D 20 21.22 -9.44 -7.52
CA SER D 20 22.25 -10.19 -6.81
C SER D 20 23.69 -9.82 -7.22
N ALA D 21 23.94 -9.64 -8.51
CA ALA D 21 25.22 -9.13 -9.00
C ALA D 21 25.56 -7.73 -8.47
N ILE D 22 24.56 -6.84 -8.44
CA ILE D 22 24.74 -5.55 -7.80
C ILE D 22 25.05 -5.71 -6.28
N LEU D 23 24.26 -6.51 -5.57
CA LEU D 23 24.50 -6.66 -4.09
C LEU D 23 25.94 -7.23 -3.85
N GLN D 24 26.32 -8.22 -4.64
CA GLN D 24 27.68 -8.83 -4.55
C GLN D 24 28.79 -7.83 -4.78
N LYS D 25 28.59 -6.91 -5.73
CA LYS D 25 29.63 -5.94 -6.00
C LYS D 25 29.68 -4.90 -4.90
N MET D 26 28.54 -4.53 -4.36
CA MET D 26 28.57 -3.59 -3.22
C MET D 26 29.38 -4.20 -2.07
N ALA D 27 29.17 -5.48 -1.82
CA ALA D 27 29.80 -6.14 -0.69
C ALA D 27 31.28 -6.34 -0.98
N SER D 28 31.61 -6.70 -2.22
CA SER D 28 33.02 -6.85 -2.64
C SER D 28 33.73 -5.50 -2.57
N ASP D 29 33.08 -4.44 -3.04
CA ASP D 29 33.67 -3.07 -2.94
C ASP D 29 33.99 -2.67 -1.50
N LEU D 30 33.15 -3.13 -0.57
CA LEU D 30 33.39 -2.89 0.86
C LEU D 30 34.44 -3.81 1.50
N GLY D 31 34.93 -4.82 0.77
CA GLY D 31 35.92 -5.78 1.28
C GLY D 31 35.44 -7.18 1.63
N PHE D 32 34.24 -7.58 1.21
CA PHE D 32 33.75 -8.95 1.47
C PHE D 32 33.55 -9.74 0.14
N SER D 33 34.28 -10.84 -0.09
CA SER D 33 34.18 -11.57 -1.37
C SER D 33 33.01 -12.53 -1.49
N LYS D 34 32.42 -12.92 -0.35
CA LYS D 34 31.32 -13.92 -0.37
C LYS D 34 30.20 -13.42 0.49
N ILE D 35 28.99 -13.49 -0.04
CA ILE D 35 27.78 -13.07 0.69
C ILE D 35 26.65 -13.99 0.31
N LEU D 36 25.71 -14.13 1.23
CA LEU D 36 24.46 -14.81 1.00
C LEU D 36 23.29 -14.03 1.57
N PHE D 37 22.26 -13.80 0.76
CA PHE D 37 21.04 -13.07 1.16
C PHE D 37 19.97 -14.11 1.10
N GLY D 38 19.40 -14.41 2.26
CA GLY D 38 18.35 -15.40 2.41
C GLY D 38 17.10 -14.75 3.01
N LEU D 39 15.93 -14.95 2.39
CA LEU D 39 14.67 -14.35 2.91
C LEU D 39 13.48 -15.31 2.75
N LEU D 40 12.74 -15.44 3.83
CA LEU D 40 11.50 -16.23 3.88
C LEU D 40 10.30 -15.30 4.08
N PRO D 41 9.17 -15.61 3.44
CA PRO D 41 7.95 -14.83 3.71
C PRO D 41 7.36 -15.11 5.08
N LYS D 42 6.49 -14.21 5.52
CA LYS D 42 5.90 -14.21 6.90
C LYS D 42 5.47 -15.60 7.42
N ALA D 50 11.82 -20.23 -0.07
CA ALA D 50 12.90 -19.29 0.32
C ALA D 50 13.45 -18.53 -0.89
N PHE D 51 13.93 -17.31 -0.67
CA PHE D 51 14.63 -16.56 -1.71
C PHE D 51 16.06 -16.51 -1.22
N ILE D 52 16.96 -17.20 -1.90
CA ILE D 52 18.34 -17.24 -1.50
C ILE D 52 19.17 -16.88 -2.67
N VAL D 53 19.96 -15.82 -2.57
CA VAL D 53 20.88 -15.47 -3.66
C VAL D 53 22.20 -15.04 -3.09
N GLY D 54 23.23 -15.12 -3.94
CA GLY D 54 24.56 -14.70 -3.57
C GLY D 54 25.64 -15.50 -4.27
N ASN D 55 26.86 -15.48 -3.71
CA ASN D 55 28.05 -16.07 -4.37
C ASN D 55 28.88 -16.98 -3.40
N TYR D 56 28.22 -17.52 -2.38
CA TYR D 56 28.74 -18.73 -1.71
C TYR D 56 29.01 -19.83 -2.77
N PRO D 57 30.11 -20.58 -2.56
CA PRO D 57 30.43 -21.74 -3.44
C PRO D 57 29.27 -22.73 -3.57
N ALA D 58 29.00 -23.17 -4.80
CA ALA D 58 27.96 -24.22 -5.02
C ALA D 58 28.04 -25.48 -4.12
N ALA D 59 29.24 -26.04 -4.01
CA ALA D 59 29.47 -27.24 -3.24
C ALA D 59 29.02 -27.01 -1.77
N TRP D 60 29.32 -25.83 -1.20
CA TRP D 60 28.84 -25.50 0.21
C TRP D 60 27.34 -25.30 0.30
N ARG D 61 26.75 -24.59 -0.66
CA ARG D 61 25.30 -24.48 -0.74
C ARG D 61 24.64 -25.86 -0.74
N GLU D 62 25.12 -26.73 -1.64
CA GLU D 62 24.56 -28.08 -1.74
C GLU D 62 24.75 -28.86 -0.43
N HIS D 63 25.96 -28.83 0.11
CA HIS D 63 26.28 -29.54 1.35
C HIS D 63 25.43 -29.03 2.55
N TYR D 64 25.30 -27.71 2.66
CA TYR D 64 24.47 -27.14 3.75
C TYR D 64 23.02 -27.66 3.72
N ASP D 65 22.44 -27.72 2.52
CA ASP D 65 21.09 -28.22 2.31
C ASP D 65 20.99 -29.69 2.57
N ARG D 66 21.93 -30.45 2.04
CA ARG D 66 21.95 -31.92 2.28
C ARG D 66 22.16 -32.29 3.74
N ALA D 67 23.05 -31.59 4.43
CA ALA D 67 23.37 -31.89 5.82
C ALA D 67 22.33 -31.37 6.85
N GLY D 68 21.29 -30.65 6.41
CA GLY D 68 20.27 -30.09 7.30
C GLY D 68 20.85 -29.03 8.21
N TYR D 69 21.88 -28.31 7.74
CA TYR D 69 22.53 -27.33 8.59
C TYR D 69 21.71 -26.16 9.09
N ALA D 70 20.58 -25.86 8.50
CA ALA D 70 19.76 -24.79 9.08
C ALA D 70 19.30 -25.09 10.52
N ARG D 71 19.36 -26.37 10.93
CA ARG D 71 19.07 -26.73 12.32
C ARG D 71 20.29 -26.70 13.23
N VAL D 72 21.45 -26.40 12.71
CA VAL D 72 22.68 -26.46 13.50
C VAL D 72 23.40 -25.10 13.59
N ASP D 73 23.58 -24.50 12.42
CA ASP D 73 24.09 -23.16 12.25
C ASP D 73 23.56 -22.25 13.37
N PRO D 74 24.44 -21.79 14.27
CA PRO D 74 23.93 -20.99 15.40
C PRO D 74 23.40 -19.59 14.99
N THR D 75 23.76 -19.12 13.79
CA THR D 75 23.22 -17.85 13.25
C THR D 75 21.77 -17.89 12.97
N VAL D 76 21.26 -19.04 12.56
CA VAL D 76 19.86 -19.13 12.17
C VAL D 76 18.94 -18.88 13.40
N SER D 77 19.21 -19.54 14.51
CA SER D 77 18.35 -19.33 15.69
C SER D 77 18.51 -17.88 16.23
N HIS D 78 19.73 -17.34 16.18
CA HIS D 78 19.98 -15.94 16.58
C HIS D 78 19.09 -14.93 15.81
N CYS D 79 19.02 -15.09 14.49
CA CYS D 79 18.16 -14.30 13.62
C CYS D 79 16.69 -14.35 14.01
N THR D 80 16.23 -15.48 14.55
CA THR D 80 14.84 -15.63 15.00
CA THR D 80 14.82 -15.57 14.97
C THR D 80 14.57 -14.78 16.25
N GLN D 81 15.61 -14.42 16.96
CA GLN D 81 15.47 -13.73 18.25
C GLN D 81 15.96 -12.29 18.31
N SER D 82 16.66 -11.79 17.30
CA SER D 82 17.36 -10.52 17.47
C SER D 82 17.41 -9.78 16.13
N VAL D 83 17.59 -8.49 16.24
CA VAL D 83 17.92 -7.65 15.08
C VAL D 83 19.36 -7.36 15.06
N LEU D 84 20.15 -7.77 16.05
CA LEU D 84 21.56 -7.38 16.07
C LEU D 84 22.49 -8.37 15.34
N PRO D 85 23.60 -7.88 14.79
CA PRO D 85 24.52 -8.83 14.11
C PRO D 85 25.11 -9.86 15.02
N ILE D 86 25.38 -11.05 14.47
CA ILE D 86 26.14 -12.13 15.18
C ILE D 86 27.44 -12.31 14.36
N PHE D 87 28.55 -11.99 15.00
CA PHE D 87 29.87 -12.28 14.43
C PHE D 87 30.18 -13.79 14.54
N TRP D 88 30.99 -14.31 13.58
CA TRP D 88 31.28 -15.76 13.52
C TRP D 88 32.48 -16.00 14.48
N GLU D 89 32.24 -15.77 15.75
CA GLU D 89 33.28 -15.93 16.81
C GLU D 89 33.28 -17.37 17.32
N PRO D 90 34.45 -17.84 17.82
CA PRO D 90 34.56 -19.18 18.27
C PRO D 90 33.49 -19.56 19.25
N SER D 91 33.08 -18.62 20.11
CA SER D 91 32.06 -18.89 21.13
C SER D 91 30.65 -19.19 20.66
N ILE D 92 30.28 -18.83 19.42
CA ILE D 92 28.91 -19.18 18.94
C ILE D 92 28.71 -20.66 18.64
N TYR D 93 29.83 -21.38 18.45
CA TYR D 93 29.86 -22.85 18.17
C TYR D 93 30.07 -23.59 19.50
N GLN D 94 28.97 -24.08 20.06
CA GLN D 94 28.96 -24.66 21.39
C GLN D 94 28.81 -26.18 21.31
N THR D 95 27.67 -26.65 20.76
CA THR D 95 27.38 -28.11 20.66
C THR D 95 28.34 -28.88 19.72
N ARG D 96 28.09 -30.19 19.61
CA ARG D 96 28.92 -31.07 18.80
C ARG D 96 28.82 -30.74 17.30
N LYS D 97 27.59 -30.64 16.85
CA LYS D 97 27.32 -30.35 15.45
C LYS D 97 27.89 -28.97 14.99
N GLN D 98 28.01 -28.01 15.92
CA GLN D 98 28.43 -26.65 15.58
C GLN D 98 29.93 -26.54 15.38
N HIS D 99 30.71 -27.28 16.18
CA HIS D 99 32.13 -27.46 15.88
C HIS D 99 32.36 -27.99 14.45
N GLU D 100 31.51 -28.92 14.04
CA GLU D 100 31.64 -29.60 12.75
C GLU D 100 31.23 -28.65 11.65
N PHE D 101 30.06 -28.06 11.84
CA PHE D 101 29.63 -26.91 11.01
C PHE D 101 30.79 -25.97 10.81
N PHE D 102 31.37 -25.41 11.91
CA PHE D 102 32.58 -24.54 11.75
C PHE D 102 33.69 -25.15 10.86
N GLU D 103 34.01 -26.42 11.13
CA GLU D 103 35.01 -27.13 10.29
C GLU D 103 34.61 -27.25 8.85
N GLU D 104 33.36 -27.66 8.62
CA GLU D 104 32.87 -27.81 7.22
C GLU D 104 32.84 -26.48 6.47
N ALA D 105 32.40 -25.42 7.15
CA ALA D 105 32.35 -24.11 6.54
C ALA D 105 33.73 -23.61 6.26
N SER D 106 34.63 -23.87 7.21
CA SER D 106 36.01 -23.50 7.04
C SER D 106 36.66 -24.34 5.89
N ALA D 107 36.37 -25.62 5.85
CA ALA D 107 36.83 -26.51 4.71
C ALA D 107 36.34 -25.94 3.40
N ALA D 108 35.07 -25.51 3.37
CA ALA D 108 34.53 -24.84 2.19
C ALA D 108 35.06 -23.46 1.91
N GLY D 109 35.80 -22.83 2.86
CA GLY D 109 36.46 -21.51 2.63
C GLY D 109 35.81 -20.32 3.37
N LEU D 110 34.81 -20.59 4.19
CA LEU D 110 34.09 -19.55 4.92
C LEU D 110 34.39 -19.63 6.43
N VAL D 111 35.28 -18.75 6.88
CA VAL D 111 35.78 -18.79 8.26
C VAL D 111 35.47 -17.55 9.02
N TYR D 112 35.80 -16.40 8.43
CA TYR D 112 35.63 -15.12 9.12
C TYR D 112 34.42 -14.41 8.54
N GLY D 113 33.61 -13.80 9.40
CA GLY D 113 32.39 -13.16 8.89
C GLY D 113 31.36 -12.81 9.92
N LEU D 114 30.20 -12.39 9.44
CA LEU D 114 29.06 -12.05 10.35
C LEU D 114 27.76 -12.26 9.62
N THR D 115 26.73 -12.40 10.39
CA THR D 115 25.37 -12.57 9.89
C THR D 115 24.51 -11.45 10.47
N MET D 116 23.80 -10.76 9.57
CA MET D 116 22.91 -9.66 9.92
CA MET D 116 22.91 -9.66 9.92
C MET D 116 21.47 -10.16 9.78
N PRO D 117 20.75 -10.22 10.88
CA PRO D 117 19.34 -10.68 10.75
C PRO D 117 18.52 -9.72 9.93
N LEU D 118 17.53 -10.26 9.28
CA LEU D 118 16.62 -9.48 8.45
C LEU D 118 15.21 -9.68 8.95
N HIS D 119 14.56 -8.57 9.26
CA HIS D 119 13.15 -8.58 9.68
C HIS D 119 12.41 -7.44 8.97
N GLY D 120 11.66 -7.81 7.94
CA GLY D 120 10.98 -6.86 7.03
C GLY D 120 9.63 -6.37 7.57
N ALA D 121 9.11 -5.35 6.93
CA ALA D 121 7.91 -4.63 7.42
C ALA D 121 6.66 -5.49 7.25
N ARG D 122 6.72 -6.45 6.33
CA ARG D 122 5.59 -7.38 6.17
C ARG D 122 5.80 -8.78 6.74
N GLY D 123 6.65 -8.90 7.79
CA GLY D 123 6.96 -10.15 8.47
C GLY D 123 8.02 -11.05 7.84
N GLU D 124 8.68 -10.60 6.79
CA GLU D 124 9.76 -11.36 6.09
C GLU D 124 10.88 -11.63 7.14
N LEU D 125 11.47 -12.81 7.04
CA LEU D 125 12.49 -13.26 8.01
C LEU D 125 13.68 -13.75 7.21
N GLY D 126 14.86 -13.39 7.67
CA GLY D 126 16.05 -13.80 6.96
C GLY D 126 17.33 -13.33 7.51
N ALA D 127 18.33 -13.34 6.65
CA ALA D 127 19.71 -13.07 7.07
C ALA D 127 20.49 -12.61 5.89
N LEU D 128 21.36 -11.61 6.13
CA LEU D 128 22.41 -11.31 5.19
C LEU D 128 23.76 -11.72 5.83
N SER D 129 24.41 -12.72 5.25
CA SER D 129 25.72 -13.21 5.76
C SER D 129 26.83 -12.74 4.84
N LEU D 130 27.94 -12.30 5.42
CA LEU D 130 29.06 -11.84 4.62
C LEU D 130 30.33 -12.43 5.21
N SER D 131 31.19 -12.95 4.34
CA SER D 131 32.47 -13.51 4.78
C SER D 131 33.65 -12.63 4.27
N VAL D 132 34.72 -12.53 5.07
CA VAL D 132 35.91 -11.77 4.69
C VAL D 132 37.06 -12.75 4.61
N GLU D 133 37.93 -12.56 3.61
CA GLU D 133 39.20 -13.25 3.51
C GLU D 133 40.24 -12.50 4.33
N ALA D 134 40.81 -13.15 5.33
CA ALA D 134 41.83 -12.52 6.12
C ALA D 134 42.86 -13.54 6.64
N GLU D 135 43.97 -13.00 7.11
CA GLU D 135 45.12 -13.82 7.51
C GLU D 135 44.90 -14.49 8.86
N ASN D 136 43.95 -13.99 9.66
CA ASN D 136 43.55 -14.59 10.95
C ASN D 136 42.26 -13.87 11.48
N ARG D 137 41.60 -14.44 12.48
CA ARG D 137 40.36 -13.82 13.04
C ARG D 137 40.57 -12.44 13.64
N ALA D 138 41.76 -12.17 14.17
CA ALA D 138 41.99 -10.87 14.77
C ALA D 138 42.04 -9.78 13.68
N GLU D 139 42.66 -10.11 12.53
CA GLU D 139 42.68 -9.23 11.39
C GLU D 139 41.26 -9.04 10.85
N ALA D 140 40.52 -10.13 10.74
CA ALA D 140 39.16 -10.11 10.25
C ALA D 140 38.33 -9.13 11.09
N ASN D 141 38.46 -9.25 12.42
CA ASN D 141 37.66 -8.48 13.36
C ASN D 141 37.97 -7.00 13.29
N ARG D 142 39.25 -6.62 13.15
CA ARG D 142 39.60 -5.22 13.02
C ARG D 142 39.00 -4.64 11.76
N PHE D 143 38.97 -5.45 10.70
CA PHE D 143 38.46 -4.99 9.43
C PHE D 143 36.93 -4.83 9.50
N MET D 144 36.27 -5.86 10.03
CA MET D 144 34.80 -5.83 10.14
C MET D 144 34.32 -4.66 11.03
N GLU D 145 35.02 -4.44 12.15
CA GLU D 145 34.67 -3.31 13.01
C GLU D 145 34.78 -1.97 12.27
N SER D 146 35.80 -1.82 11.42
CA SER D 146 36.00 -0.58 10.65
C SER D 146 34.91 -0.26 9.63
N VAL D 147 34.16 -1.27 9.19
CA VAL D 147 33.12 -1.04 8.18
C VAL D 147 31.71 -1.39 8.68
N LEU D 148 31.57 -1.71 9.97
CA LEU D 148 30.27 -2.14 10.48
C LEU D 148 29.09 -1.12 10.28
N PRO D 149 29.31 0.21 10.50
CA PRO D 149 28.20 1.14 10.32
C PRO D 149 27.67 1.07 8.91
N THR D 150 28.57 1.01 7.91
CA THR D 150 28.14 0.92 6.51
C THR D 150 27.34 -0.38 6.23
N LEU D 151 27.88 -1.48 6.75
CA LEU D 151 27.23 -2.78 6.68
C LEU D 151 25.83 -2.80 7.29
N TRP D 152 25.72 -2.12 8.42
CA TRP D 152 24.48 -2.06 9.13
C TRP D 152 23.41 -1.30 8.31
N MET D 153 23.80 -0.29 7.53
CA MET D 153 22.84 0.36 6.63
C MET D 153 22.52 -0.59 5.46
N LEU D 154 23.59 -1.18 4.91
CA LEU D 154 23.45 -2.05 3.74
C LEU D 154 22.39 -3.16 3.90
N LYS D 155 22.37 -3.80 5.06
CA LYS D 155 21.46 -4.90 5.30
C LYS D 155 19.99 -4.46 5.17
N ASP D 156 19.63 -3.25 5.69
CA ASP D 156 18.29 -2.75 5.60
C ASP D 156 17.95 -2.34 4.18
N TYR D 157 18.86 -1.72 3.45
CA TYR D 157 18.62 -1.44 2.01
C TYR D 157 18.39 -2.72 1.23
N ALA D 158 19.22 -3.74 1.50
CA ALA D 158 19.07 -5.03 0.79
C ALA D 158 17.79 -5.64 1.12
N LEU D 159 17.45 -5.59 2.42
CA LEU D 159 16.17 -6.11 2.85
C LEU D 159 14.96 -5.45 2.11
N GLN D 160 14.95 -4.11 2.10
CA GLN D 160 13.79 -3.35 1.56
C GLN D 160 13.68 -3.64 0.05
N SER D 161 14.77 -3.49 -0.66
CA SER D 161 14.78 -3.80 -2.11
C SER D 161 14.47 -5.27 -2.38
N GLY D 162 15.17 -6.18 -1.70
CA GLY D 162 15.01 -7.60 -1.92
C GLY D 162 13.67 -8.23 -1.57
N ALA D 163 12.99 -7.72 -0.56
CA ALA D 163 11.68 -8.24 -0.19
C ALA D 163 10.67 -7.95 -1.34
N GLY D 164 10.82 -6.82 -2.02
CA GLY D 164 10.01 -6.46 -3.18
C GLY D 164 10.45 -7.19 -4.44
N LEU D 165 11.11 -8.35 -4.26
CA LEU D 165 11.64 -9.21 -5.31
C LEU D 165 11.30 -10.68 -4.99
N ALA D 166 11.54 -11.12 -3.75
CA ALA D 166 11.10 -12.44 -3.30
C ALA D 166 9.61 -12.70 -3.58
#